data_9LQM
#
_entry.id   9LQM
#
_cell.length_a   50.845
_cell.length_b   50.845
_cell.length_c   102.666
_cell.angle_alpha   90.000
_cell.angle_beta   90.000
_cell.angle_gamma   120.000
#
_symmetry.space_group_name_H-M   'P 32 2 1'
#
loop_
_entity.id
_entity.type
_entity.pdbx_description
1 polymer 'ubiquitin variant R4'
2 non-polymer 'SULFATE ION'
3 water water
#
_entity_poly.entity_id   1
_entity_poly.type   'polypeptide(L)'
_entity_poly.pdbx_seq_one_letter_code
;MGSSHHHHHHGSSGENLYFQGSGGSMTIYVKTQDGKIIKLEVNDDDTILNVKKKIEEKTGIPPEDQILIYKGKVLEDDKT
LADYNIKENDTLYLVKRLKSPER
;
_entity_poly.pdbx_strand_id   A,B
#
# COMPACT_ATOMS: atom_id res chain seq x y z
N GLY A 21 -8.45 -0.99 0.43
CA GLY A 21 -8.04 -2.24 1.06
C GLY A 21 -6.56 -2.33 1.37
N SER A 22 -6.07 -3.57 1.56
CA SER A 22 -4.73 -3.79 2.07
C SER A 22 -3.66 -3.16 1.18
N GLY A 23 -3.92 -3.07 -0.12
CA GLY A 23 -2.97 -2.52 -1.08
C GLY A 23 -3.03 -1.03 -1.30
N GLY A 24 -4.01 -0.32 -0.78
CA GLY A 24 -4.15 1.08 -1.16
C GLY A 24 -5.57 1.56 -0.99
N SER A 25 -5.70 2.85 -0.72
CA SER A 25 -7.00 3.46 -0.48
C SER A 25 -7.78 3.79 -1.74
N MET A 26 -7.19 3.61 -2.91
CA MET A 26 -7.83 3.96 -4.18
C MET A 26 -7.68 2.77 -5.13
N THR A 27 -8.65 2.59 -6.01
CA THR A 27 -8.58 1.54 -7.03
C THR A 27 -8.35 2.18 -8.38
N ILE A 28 -7.38 1.65 -9.12
CA ILE A 28 -7.17 1.98 -10.53
C ILE A 28 -7.09 0.67 -11.33
N TYR A 29 -7.06 0.80 -12.66
CA TYR A 29 -7.04 -0.37 -13.51
C TYR A 29 -5.88 -0.26 -14.50
N VAL A 30 -5.32 -1.41 -14.84
CA VAL A 30 -4.18 -1.50 -15.75
C VAL A 30 -4.60 -2.39 -16.93
N LYS A 31 -4.62 -1.82 -18.13
CA LYS A 31 -5.01 -2.53 -19.34
C LYS A 31 -3.77 -3.01 -20.07
N THR A 32 -3.73 -4.29 -20.37
CA THR A 32 -2.63 -4.85 -21.14
C THR A 32 -3.00 -5.03 -22.60
N GLN A 33 -1.99 -5.33 -23.41
CA GLN A 33 -2.17 -5.37 -24.86
C GLN A 33 -2.98 -6.56 -25.33
N ASP A 34 -3.17 -7.57 -24.49
CA ASP A 34 -4.01 -8.71 -24.78
C ASP A 34 -5.48 -8.47 -24.41
N GLY A 35 -5.83 -7.25 -23.96
CA GLY A 35 -7.20 -6.93 -23.61
C GLY A 35 -7.53 -7.18 -22.15
N LYS A 36 -6.63 -7.79 -21.39
CA LYS A 36 -6.88 -8.04 -19.99
C LYS A 36 -6.81 -6.76 -19.17
N ILE A 37 -7.59 -6.76 -18.09
CA ILE A 37 -7.64 -5.65 -17.16
C ILE A 37 -7.25 -6.14 -15.77
N ILE A 38 -6.29 -5.47 -15.15
CA ILE A 38 -5.78 -5.77 -13.82
C ILE A 38 -6.30 -4.69 -12.86
N LYS A 39 -6.89 -5.12 -11.75
CA LYS A 39 -7.31 -4.17 -10.72
C LYS A 39 -6.15 -3.97 -9.77
N LEU A 40 -5.84 -2.72 -9.46
CA LEU A 40 -4.75 -2.38 -8.57
C LEU A 40 -5.27 -1.46 -7.48
N GLU A 41 -4.89 -1.74 -6.24
CA GLU A 41 -5.11 -0.82 -5.14
C GLU A 41 -3.85 -0.01 -4.92
N VAL A 42 -4.01 1.32 -4.84
CA VAL A 42 -2.90 2.25 -4.80
C VAL A 42 -3.25 3.39 -3.87
N ASN A 43 -2.29 4.28 -3.65
CA ASN A 43 -2.49 5.53 -2.93
C ASN A 43 -1.96 6.67 -3.78
N ASP A 44 -2.53 7.87 -3.58
CA ASP A 44 -2.13 9.02 -4.38
C ASP A 44 -0.63 9.32 -4.25
N ASP A 45 -0.05 9.00 -3.10
CA ASP A 45 1.36 9.28 -2.91
C ASP A 45 2.27 8.16 -3.40
N ASP A 46 1.73 7.10 -4.01
CA ASP A 46 2.60 6.06 -4.55
C ASP A 46 3.39 6.59 -5.74
N THR A 47 4.69 6.34 -5.75
CA THR A 47 5.45 6.62 -6.95
C THR A 47 5.07 5.66 -8.08
N ILE A 48 5.34 6.10 -9.29
CA ILE A 48 5.17 5.23 -10.43
C ILE A 48 6.01 3.96 -10.28
N LEU A 49 7.23 4.06 -9.75
CA LEU A 49 8.00 2.83 -9.50
C LEU A 49 7.28 1.91 -8.54
N ASN A 50 6.70 2.46 -7.47
CA ASN A 50 5.92 1.65 -6.53
C ASN A 50 4.73 0.98 -7.23
N VAL A 51 4.07 1.71 -8.12
CA VAL A 51 2.97 1.11 -8.89
C VAL A 51 3.49 -0.04 -9.76
N LYS A 52 4.62 0.16 -10.41
CA LYS A 52 5.20 -0.93 -11.21
C LYS A 52 5.57 -2.13 -10.35
N LYS A 53 6.04 -1.92 -9.13
CA LYS A 53 6.29 -3.06 -8.24
C LYS A 53 4.98 -3.79 -7.88
N LYS A 54 3.89 -3.04 -7.67
CA LYS A 54 2.60 -3.69 -7.45
C LYS A 54 2.20 -4.52 -8.66
N ILE A 55 2.41 -3.96 -9.86
CA ILE A 55 2.11 -4.69 -11.08
C ILE A 55 2.97 -5.94 -11.19
N GLU A 56 4.23 -5.85 -10.80
CA GLU A 56 5.11 -7.02 -10.84
C GLU A 56 4.57 -8.11 -9.95
N GLU A 57 4.06 -7.75 -8.78
CA GLU A 57 3.47 -8.74 -7.89
C GLU A 57 2.31 -9.44 -8.55
N LYS A 58 1.55 -8.73 -9.40
CA LYS A 58 0.39 -9.33 -10.05
C LYS A 58 0.69 -9.97 -11.42
N THR A 59 1.89 -9.82 -11.97
CA THR A 59 2.15 -10.25 -13.34
C THR A 59 3.48 -10.98 -13.53
N GLY A 60 4.45 -10.82 -12.65
CA GLY A 60 5.79 -11.31 -12.87
C GLY A 60 6.66 -10.42 -13.75
N ILE A 61 6.11 -9.32 -14.27
CA ILE A 61 6.89 -8.46 -15.14
C ILE A 61 7.80 -7.55 -14.32
N PRO A 62 9.13 -7.62 -14.48
CA PRO A 62 10.01 -6.74 -13.68
C PRO A 62 9.67 -5.28 -13.94
N PRO A 63 9.78 -4.43 -12.92
CA PRO A 63 9.44 -3.01 -13.10
C PRO A 63 10.20 -2.34 -14.23
N GLU A 64 11.49 -2.66 -14.38
CA GLU A 64 12.27 -2.03 -15.45
C GLU A 64 11.77 -2.42 -16.84
N ASP A 65 10.99 -3.48 -16.97
CA ASP A 65 10.38 -3.91 -18.23
C ASP A 65 8.96 -3.39 -18.41
N GLN A 66 8.51 -2.42 -17.61
CA GLN A 66 7.18 -1.86 -17.75
C GLN A 66 7.22 -0.40 -18.16
N ILE A 67 6.41 -0.07 -19.16
CA ILE A 67 6.07 1.30 -19.53
C ILE A 67 4.61 1.50 -19.18
N LEU A 68 4.32 2.53 -18.38
CA LEU A 68 2.94 2.86 -18.04
C LEU A 68 2.56 4.17 -18.73
N ILE A 69 1.36 4.20 -19.31
CA ILE A 69 0.88 5.33 -20.09
C ILE A 69 -0.50 5.74 -19.58
N TYR A 70 -0.67 7.04 -19.37
CA TYR A 70 -1.95 7.59 -18.96
C TYR A 70 -2.30 8.71 -19.90
N LYS A 71 -3.40 8.53 -20.65
CA LYS A 71 -3.87 9.55 -21.61
C LYS A 71 -2.76 9.99 -22.55
N GLY A 72 -2.01 9.00 -23.03
CA GLY A 72 -0.94 9.21 -24.00
C GLY A 72 0.39 9.62 -23.42
N LYS A 73 0.49 9.87 -22.12
CA LYS A 73 1.76 10.30 -21.54
C LYS A 73 2.45 9.13 -20.83
N VAL A 74 3.73 8.92 -21.15
CA VAL A 74 4.53 7.91 -20.46
C VAL A 74 4.86 8.40 -19.06
N LEU A 75 4.59 7.58 -18.05
CA LEU A 75 4.74 8.00 -16.65
C LEU A 75 6.16 7.74 -16.14
N GLU A 76 6.70 8.72 -15.42
CA GLU A 76 8.06 8.66 -14.88
C GLU A 76 8.12 8.05 -13.48
N ASP A 77 9.14 7.21 -13.27
CA ASP A 77 9.23 6.36 -12.08
C ASP A 77 9.26 7.15 -10.78
N ASP A 78 9.90 8.31 -10.78
CA ASP A 78 10.07 9.05 -9.53
C ASP A 78 8.95 10.05 -9.25
N LYS A 79 7.96 10.17 -10.11
CA LYS A 79 6.78 10.97 -9.86
C LYS A 79 5.69 10.08 -9.25
N THR A 80 4.66 10.72 -8.71
CA THR A 80 3.59 10.02 -8.02
C THR A 80 2.31 10.04 -8.82
N LEU A 81 1.37 9.16 -8.44
CA LEU A 81 0.04 9.21 -9.08
C LEU A 81 -0.57 10.59 -8.96
N ALA A 82 -0.39 11.25 -7.82
CA ALA A 82 -0.95 12.58 -7.62
C ALA A 82 -0.38 13.57 -8.61
N ASP A 83 0.89 13.41 -8.98
CA ASP A 83 1.52 14.32 -9.95
C ASP A 83 0.83 14.28 -11.30
N TYR A 84 0.19 13.17 -11.66
CA TYR A 84 -0.50 13.00 -12.93
C TYR A 84 -2.00 13.12 -12.80
N ASN A 85 -2.49 13.48 -11.62
CA ASN A 85 -3.93 13.59 -11.35
C ASN A 85 -4.65 12.27 -11.63
N ILE A 86 -3.98 11.15 -11.37
CA ILE A 86 -4.57 9.83 -11.59
C ILE A 86 -5.43 9.50 -10.39
N LYS A 87 -6.71 9.21 -10.64
CA LYS A 87 -7.74 9.13 -9.63
C LYS A 87 -8.50 7.82 -9.71
N GLU A 88 -9.45 7.67 -8.78
CA GLU A 88 -10.22 6.44 -8.64
C GLU A 88 -10.82 6.02 -9.96
N ASN A 89 -10.65 4.74 -10.27
CA ASN A 89 -11.19 4.05 -11.44
C ASN A 89 -10.55 4.44 -12.77
N ASP A 90 -9.47 5.22 -12.76
CA ASP A 90 -8.77 5.51 -14.01
C ASP A 90 -8.03 4.28 -14.52
N THR A 91 -7.75 4.28 -15.82
CA THR A 91 -7.04 3.21 -16.49
C THR A 91 -5.66 3.68 -16.96
N LEU A 92 -4.65 2.92 -16.60
CA LEU A 92 -3.31 3.06 -17.14
C LEU A 92 -3.10 1.94 -18.16
N TYR A 93 -2.32 2.22 -19.19
CA TYR A 93 -1.97 1.19 -20.17
C TYR A 93 -0.58 0.69 -19.88
N LEU A 94 -0.44 -0.61 -19.76
CA LEU A 94 0.86 -1.24 -19.56
C LEU A 94 1.40 -1.77 -20.90
N VAL A 95 2.61 -1.35 -21.24
CA VAL A 95 3.29 -1.86 -22.42
C VAL A 95 4.61 -2.43 -21.98
N LYS A 96 4.89 -3.68 -22.35
CA LYS A 96 6.18 -4.24 -21.96
C LYS A 96 7.28 -3.60 -22.80
N ARG A 97 8.43 -3.31 -22.17
CA ARG A 97 9.51 -2.68 -22.94
C ARG A 97 10.06 -3.59 -24.01
N LEU A 98 10.29 -4.85 -23.67
CA LEU A 98 10.90 -5.82 -24.58
C LEU A 98 9.76 -6.61 -25.20
N LYS A 99 9.82 -6.78 -26.52
CA LYS A 99 8.86 -7.66 -27.19
C LYS A 99 8.85 -9.01 -26.48
N SER A 100 7.64 -9.49 -26.17
CA SER A 100 7.50 -10.79 -25.52
C SER A 100 7.23 -11.89 -26.53
N PRO A 101 7.63 -13.13 -26.20
CA PRO A 101 7.35 -14.34 -26.98
C PRO A 101 5.85 -14.62 -27.09
N SER B 22 7.85 11.66 18.65
CA SER B 22 8.69 11.65 19.85
C SER B 22 9.09 10.22 20.25
N GLY B 23 10.12 10.13 21.07
CA GLY B 23 10.62 8.88 21.62
C GLY B 23 11.54 8.08 20.71
N GLY B 24 11.58 8.37 19.41
CA GLY B 24 12.43 7.69 18.45
C GLY B 24 11.70 7.39 17.14
N SER B 25 12.33 7.65 16.00
CA SER B 25 11.73 7.40 14.69
C SER B 25 12.09 5.99 14.23
N MET B 26 11.09 5.22 13.83
CA MET B 26 11.32 3.86 13.39
C MET B 26 10.43 3.50 12.21
N THR B 27 10.82 2.44 11.50
CA THR B 27 10.00 1.85 10.47
C THR B 27 9.40 0.59 11.07
N ILE B 28 8.10 0.40 10.91
CA ILE B 28 7.47 -0.85 11.26
C ILE B 28 6.71 -1.35 10.06
N TYR B 29 6.29 -2.60 10.12
CA TYR B 29 5.59 -3.22 9.01
C TYR B 29 4.32 -3.83 9.52
N VAL B 30 3.28 -3.77 8.70
CA VAL B 30 1.97 -4.26 9.07
C VAL B 30 1.59 -5.33 8.05
N LYS B 31 1.38 -6.54 8.51
CA LYS B 31 1.06 -7.66 7.65
C LYS B 31 -0.45 -7.82 7.60
N THR B 32 -1.00 -7.84 6.38
CA THR B 32 -2.43 -8.04 6.22
C THR B 32 -2.72 -9.48 5.82
N GLN B 33 -4.00 -9.86 5.88
CA GLN B 33 -4.37 -11.24 5.66
C GLN B 33 -4.31 -11.64 4.19
N ASP B 34 -4.35 -10.69 3.26
CA ASP B 34 -4.18 -11.07 1.87
C ASP B 34 -2.70 -11.19 1.47
N GLY B 35 -1.79 -11.06 2.42
CA GLY B 35 -0.37 -11.16 2.18
C GLY B 35 0.36 -9.84 1.94
N LYS B 36 -0.35 -8.72 1.85
CA LYS B 36 0.33 -7.45 1.65
C LYS B 36 1.07 -7.06 2.92
N ILE B 37 2.19 -6.37 2.74
CA ILE B 37 2.96 -5.82 3.85
C ILE B 37 2.98 -4.31 3.66
N ILE B 38 2.52 -3.58 4.67
CA ILE B 38 2.48 -2.13 4.62
C ILE B 38 3.64 -1.59 5.43
N LYS B 39 4.45 -0.74 4.83
CA LYS B 39 5.54 -0.07 5.51
C LYS B 39 5.05 1.24 6.12
N LEU B 40 5.33 1.43 7.42
CA LEU B 40 4.94 2.66 8.11
C LEU B 40 6.15 3.31 8.75
N GLU B 41 6.22 4.63 8.62
CA GLU B 41 7.18 5.42 9.37
C GLU B 41 6.46 5.98 10.58
N VAL B 42 6.96 5.67 11.77
CA VAL B 42 6.27 5.95 13.02
C VAL B 42 7.28 6.48 14.01
N ASN B 43 6.79 6.86 15.18
CA ASN B 43 7.61 7.27 16.30
C ASN B 43 7.19 6.47 17.52
N ASP B 44 8.16 6.23 18.41
CA ASP B 44 7.95 5.33 19.55
C ASP B 44 6.82 5.78 20.46
N ASP B 45 6.54 7.07 20.54
CA ASP B 45 5.49 7.59 21.41
C ASP B 45 4.14 7.69 20.71
N ASP B 46 4.03 7.20 19.47
CA ASP B 46 2.75 7.23 18.78
C ASP B 46 1.77 6.31 19.48
N THR B 47 0.52 6.75 19.64
CA THR B 47 -0.49 5.82 20.13
C THR B 47 -0.82 4.78 19.05
N ILE B 48 -1.40 3.66 19.49
CA ILE B 48 -1.95 2.70 18.56
C ILE B 48 -3.03 3.35 17.70
N LEU B 49 -3.86 4.21 18.28
CA LEU B 49 -4.89 4.85 17.47
C LEU B 49 -4.25 5.67 16.33
N ASN B 50 -3.15 6.37 16.64
CA ASN B 50 -2.45 7.12 15.61
C ASN B 50 -1.89 6.19 14.52
N VAL B 51 -1.38 5.02 14.90
CA VAL B 51 -0.94 4.03 13.91
C VAL B 51 -2.10 3.59 13.04
N LYS B 52 -3.27 3.36 13.64
CA LYS B 52 -4.44 2.97 12.87
C LYS B 52 -4.87 4.10 11.92
N LYS B 53 -4.71 5.35 12.31
CA LYS B 53 -5.02 6.42 11.36
C LYS B 53 -4.02 6.44 10.21
N LYS B 54 -2.75 6.16 10.49
CA LYS B 54 -1.80 6.03 9.40
C LYS B 54 -2.17 4.90 8.46
N ILE B 55 -2.60 3.76 9.02
CA ILE B 55 -3.04 2.65 8.20
C ILE B 55 -4.26 3.05 7.37
N GLU B 56 -5.17 3.82 7.96
CA GLU B 56 -6.32 4.29 7.20
C GLU B 56 -5.89 5.12 5.99
N GLU B 57 -4.87 5.98 6.16
CA GLU B 57 -4.39 6.76 5.02
C GLU B 57 -3.89 5.84 3.90
N LYS B 58 -3.29 4.72 4.27
CA LYS B 58 -2.75 3.79 3.26
C LYS B 58 -3.72 2.75 2.73
N THR B 59 -4.91 2.59 3.32
CA THR B 59 -5.84 1.50 2.95
C THR B 59 -7.29 1.93 2.79
N GLY B 60 -7.72 3.04 3.37
CA GLY B 60 -9.14 3.34 3.43
C GLY B 60 -9.90 2.62 4.53
N ILE B 61 -9.23 1.76 5.31
CA ILE B 61 -9.92 0.99 6.36
C ILE B 61 -10.11 1.90 7.57
N PRO B 62 -11.34 2.20 8.01
CA PRO B 62 -11.51 3.08 9.19
C PRO B 62 -10.81 2.51 10.42
N PRO B 63 -10.23 3.37 11.26
CA PRO B 63 -9.52 2.87 12.44
C PRO B 63 -10.38 1.99 13.33
N GLU B 64 -11.66 2.32 13.46
CA GLU B 64 -12.53 1.51 14.30
C GLU B 64 -12.72 0.12 13.74
N ASP B 65 -12.41 -0.11 12.47
CA ASP B 65 -12.47 -1.44 11.85
C ASP B 65 -11.13 -2.17 11.86
N GLN B 66 -10.15 -1.69 12.59
CA GLN B 66 -8.82 -2.32 12.64
C GLN B 66 -8.54 -2.91 14.01
N ILE B 67 -8.05 -4.14 14.00
CA ILE B 67 -7.43 -4.78 15.16
C ILE B 67 -5.95 -4.96 14.83
N LEU B 68 -5.09 -4.46 15.71
CA LEU B 68 -3.65 -4.68 15.55
C LEU B 68 -3.17 -5.64 16.62
N ILE B 69 -2.32 -6.57 16.19
CA ILE B 69 -1.84 -7.64 17.07
C ILE B 69 -0.32 -7.67 16.99
N TYR B 70 0.33 -7.75 18.15
CA TYR B 70 1.78 -7.89 18.22
C TYR B 70 2.10 -9.05 19.14
N LYS B 71 2.75 -10.06 18.57
CA LYS B 71 3.15 -11.26 19.30
C LYS B 71 1.97 -11.86 20.05
N GLY B 72 0.82 -11.91 19.38
CA GLY B 72 -0.37 -12.50 19.93
C GLY B 72 -1.20 -11.60 20.82
N LYS B 73 -0.76 -10.37 21.09
CA LYS B 73 -1.53 -9.48 21.94
C LYS B 73 -2.26 -8.43 21.13
N VAL B 74 -3.56 -8.29 21.38
CA VAL B 74 -4.33 -7.21 20.77
C VAL B 74 -3.94 -5.89 21.41
N LEU B 75 -3.60 -4.91 20.58
CA LEU B 75 -3.09 -3.64 21.09
C LEU B 75 -4.20 -2.62 21.37
N GLU B 76 -4.08 -1.90 22.49
CA GLU B 76 -5.09 -0.95 22.93
C GLU B 76 -4.81 0.40 22.31
N ASP B 77 -5.89 1.06 21.88
CA ASP B 77 -5.80 2.30 21.08
C ASP B 77 -5.06 3.42 21.79
N ASP B 78 -5.23 3.57 23.10
CA ASP B 78 -4.71 4.72 23.82
C ASP B 78 -3.35 4.47 24.45
N LYS B 79 -2.79 3.29 24.28
CA LYS B 79 -1.42 3.01 24.66
C LYS B 79 -0.51 3.33 23.48
N THR B 80 0.79 3.37 23.73
CA THR B 80 1.77 3.74 22.72
C THR B 80 2.59 2.53 22.27
N LEU B 81 3.27 2.72 21.13
CA LEU B 81 4.18 1.69 20.65
C LEU B 81 5.21 1.34 21.72
N ALA B 82 5.69 2.37 22.43
CA ALA B 82 6.68 2.18 23.49
C ALA B 82 6.13 1.32 24.62
N ASP B 83 4.84 1.48 24.94
CA ASP B 83 4.21 0.71 26.02
C ASP B 83 4.25 -0.78 25.74
N TYR B 84 4.29 -1.16 24.45
CA TYR B 84 4.33 -2.55 24.02
C TYR B 84 5.74 -2.96 23.61
N ASN B 85 6.72 -2.09 23.80
CA ASN B 85 8.12 -2.40 23.51
C ASN B 85 8.34 -2.79 22.06
N ILE B 86 7.61 -2.15 21.15
CA ILE B 86 7.71 -2.41 19.72
C ILE B 86 8.94 -1.68 19.16
N LYS B 87 9.75 -2.40 18.40
CA LYS B 87 11.06 -1.91 17.97
C LYS B 87 11.17 -1.84 16.45
N GLU B 88 12.31 -1.29 16.02
CA GLU B 88 12.59 -1.06 14.61
C GLU B 88 12.42 -2.32 13.79
N ASN B 89 11.69 -2.21 12.69
CA ASN B 89 11.44 -3.27 11.71
C ASN B 89 10.52 -4.39 12.24
N ASP B 90 9.87 -4.19 13.39
CA ASP B 90 8.93 -5.20 13.88
C ASP B 90 7.69 -5.24 13.01
N THR B 91 6.98 -6.36 13.11
CA THR B 91 5.76 -6.60 12.35
C THR B 91 4.56 -6.66 13.29
N LEU B 92 3.53 -5.89 12.94
CA LEU B 92 2.21 -5.96 13.54
C LEU B 92 1.30 -6.66 12.54
N TYR B 93 0.31 -7.37 13.04
CA TYR B 93 -0.68 -8.00 12.19
C TYR B 93 -1.95 -7.19 12.24
N LEU B 94 -2.47 -6.83 11.07
CA LEU B 94 -3.74 -6.14 10.94
C LEU B 94 -4.83 -7.16 10.62
N VAL B 95 -5.88 -7.18 11.43
CA VAL B 95 -7.07 -7.98 11.17
C VAL B 95 -8.25 -7.01 11.19
N LYS B 96 -9.06 -7.03 10.14
CA LYS B 96 -10.26 -6.20 10.12
C LYS B 96 -11.32 -6.78 11.05
N ARG B 97 -12.08 -5.90 11.72
CA ARG B 97 -13.15 -6.39 12.58
C ARG B 97 -14.23 -7.07 11.79
N LEU B 98 -14.61 -6.50 10.63
CA LEU B 98 -15.71 -6.99 9.82
C LEU B 98 -15.21 -7.77 8.61
N LYS B 99 -15.84 -8.92 8.37
CA LYS B 99 -15.63 -9.64 7.11
C LYS B 99 -15.92 -8.75 5.92
N SER B 100 -15.16 -8.91 4.84
CA SER B 100 -15.49 -8.14 3.65
C SER B 100 -16.64 -8.82 2.90
N PRO B 101 -17.43 -8.05 2.11
CA PRO B 101 -18.49 -8.76 1.37
C PRO B 101 -17.97 -9.84 0.40
#